data_1YDM
#
_entry.id   1YDM
#
_cell.length_a   85.302
_cell.length_b   44.276
_cell.length_c   85.296
_cell.angle_alpha   90.00
_cell.angle_beta   104.99
_cell.angle_gamma   90.00
#
_symmetry.space_group_name_H-M   'P 1 2 1'
#
loop_
_entity.id
_entity.type
_entity.pdbx_description
1 polymer 'Hypothetical protein yqgN'
2 non-polymer 'SULFATE ION'
3 water water
#
_entity_poly.entity_id   1
_entity_poly.type   'polypeptide(L)'
_entity_poly.pdbx_seq_one_letter_code
;MKSQLRKKTLEALSALSNEDILQKTER(MSE)YKYLFSLPEWQNAGTIAVTISRGLEIPTRPVIEQAWEEGKQVCIPKCH
PDTKK(MSE)QFRTYQTDDQLETVYAGLLEPVIEKTKEVNPSQIDL(MSE)IVPGVCFDVNGFRVGFGGGYYDRYLSEYE
GKTVSLLLECQLFAHVPRLPHDIPVHKLITEDRIISCFS
;
_entity_poly.pdbx_strand_id   A,B,C
#
loop_
_chem_comp.id
_chem_comp.type
_chem_comp.name
_chem_comp.formula
SO4 non-polymer 'SULFATE ION' 'O4 S -2'
#
# COMPACT_ATOMS: atom_id res chain seq x y z
N GLN A 4 -13.27 -21.14 11.00
CA GLN A 4 -14.48 -21.37 10.17
C GLN A 4 -14.64 -20.35 9.02
N LEU A 5 -13.53 -20.05 8.35
CA LEU A 5 -13.54 -19.10 7.24
C LEU A 5 -14.50 -19.62 6.16
N ARG A 6 -14.57 -20.93 6.03
CA ARG A 6 -15.45 -21.56 5.05
C ARG A 6 -16.90 -21.11 5.28
N LYS A 7 -17.30 -20.99 6.55
CA LYS A 7 -18.64 -20.58 6.90
C LYS A 7 -18.89 -19.10 6.66
N LYS A 8 -18.00 -18.26 7.18
CA LYS A 8 -18.16 -16.83 7.00
C LYS A 8 -18.29 -16.39 5.54
N THR A 9 -17.61 -17.09 4.64
CA THR A 9 -17.67 -16.75 3.23
C THR A 9 -18.99 -17.21 2.59
N LEU A 10 -19.37 -18.46 2.84
CA LEU A 10 -20.62 -18.98 2.30
C LEU A 10 -21.72 -17.95 2.52
N GLU A 11 -21.68 -17.29 3.68
CA GLU A 11 -22.68 -16.28 4.02
C GLU A 11 -22.48 -15.03 3.18
N ALA A 12 -21.25 -14.55 3.12
CA ALA A 12 -20.92 -13.36 2.37
C ALA A 12 -21.31 -13.54 0.92
N LEU A 13 -20.90 -14.66 0.34
CA LEU A 13 -21.22 -14.91 -1.06
C LEU A 13 -22.72 -15.04 -1.23
N SER A 14 -23.38 -15.66 -0.26
CA SER A 14 -24.83 -15.86 -0.33
C SER A 14 -25.61 -14.56 -0.34
N ALA A 15 -25.10 -13.54 0.37
CA ALA A 15 -25.78 -12.26 0.44
C ALA A 15 -25.81 -11.50 -0.91
N LEU A 16 -24.78 -11.69 -1.71
CA LEU A 16 -24.68 -11.04 -3.01
C LEU A 16 -25.75 -11.45 -4.01
N SER A 17 -26.34 -10.47 -4.69
CA SER A 17 -27.37 -10.73 -5.68
C SER A 17 -26.75 -11.04 -7.03
N ASN A 18 -27.49 -11.79 -7.85
CA ASN A 18 -27.03 -12.18 -9.17
C ASN A 18 -26.43 -10.97 -9.89
N GLU A 19 -27.08 -9.83 -9.74
CA GLU A 19 -26.63 -8.58 -10.35
C GLU A 19 -25.27 -8.17 -9.79
N ASP A 20 -25.10 -8.30 -8.48
CA ASP A 20 -23.84 -7.94 -7.85
C ASP A 20 -22.69 -8.79 -8.36
N ILE A 21 -22.83 -10.09 -8.21
CA ILE A 21 -21.79 -11.02 -8.66
C ILE A 21 -21.44 -10.80 -10.13
N LEU A 22 -22.45 -10.75 -10.98
CA LEU A 22 -22.25 -10.54 -12.41
C LEU A 22 -21.55 -9.20 -12.68
N GLN A 23 -21.82 -8.20 -11.85
CA GLN A 23 -21.22 -6.88 -12.02
C GLN A 23 -19.78 -6.84 -11.46
N LYS A 24 -19.53 -7.61 -10.42
CA LYS A 24 -18.20 -7.67 -9.81
C LYS A 24 -17.25 -8.53 -10.63
N THR A 25 -17.74 -9.64 -11.19
CA THR A 25 -16.88 -10.51 -11.98
C THR A 25 -16.47 -9.87 -13.31
N GLU A 26 -17.28 -8.95 -13.81
CA GLU A 26 -16.92 -8.30 -15.07
C GLU A 26 -15.55 -7.64 -14.91
N ARG A 27 -15.44 -6.80 -13.88
CA ARG A 27 -14.19 -6.10 -13.60
C ARG A 27 -13.05 -7.04 -13.27
N MSE A 28 -13.40 -8.27 -12.90
CA MSE A 28 -12.42 -9.30 -12.56
C MSE A 28 -11.80 -9.83 -13.84
O MSE A 28 -10.58 -9.99 -13.95
CB MSE A 28 -13.09 -10.44 -11.84
CG MSE A 28 -12.44 -10.81 -10.53
SE MSE A 28 -13.40 -12.24 -9.68
CE MSE A 28 -15.06 -11.31 -9.32
N TYR A 29 -12.66 -10.15 -14.81
CA TYR A 29 -12.15 -10.65 -16.06
C TYR A 29 -11.31 -9.56 -16.70
N LYS A 30 -11.77 -8.31 -16.58
CA LYS A 30 -11.04 -7.18 -17.14
C LYS A 30 -9.58 -7.24 -16.70
N TYR A 31 -9.36 -7.37 -15.39
CA TYR A 31 -8.02 -7.45 -14.85
C TYR A 31 -7.30 -8.68 -15.36
N LEU A 32 -7.98 -9.82 -15.33
CA LEU A 32 -7.39 -11.07 -15.80
C LEU A 32 -6.80 -10.91 -17.21
N PHE A 33 -7.67 -10.56 -18.15
CA PHE A 33 -7.26 -10.38 -19.53
C PHE A 33 -6.21 -9.28 -19.74
N SER A 34 -6.19 -8.27 -18.86
CA SER A 34 -5.23 -7.21 -19.00
C SER A 34 -3.84 -7.61 -18.49
N LEU A 35 -3.66 -8.87 -18.10
CA LEU A 35 -2.36 -9.28 -17.63
C LEU A 35 -1.53 -9.89 -18.76
N PRO A 36 -0.20 -9.79 -18.67
CA PRO A 36 0.67 -10.34 -19.71
C PRO A 36 0.50 -11.85 -19.71
N GLU A 37 0.34 -12.41 -18.50
CA GLU A 37 0.16 -13.84 -18.31
C GLU A 37 -1.04 -14.41 -19.07
N TRP A 38 -1.98 -13.55 -19.41
CA TRP A 38 -3.14 -13.98 -20.15
C TRP A 38 -2.86 -13.79 -21.65
N GLN A 39 -2.29 -12.64 -22.00
CA GLN A 39 -2.00 -12.35 -23.41
C GLN A 39 -1.05 -13.34 -24.07
N ASN A 40 0.08 -13.58 -23.41
CA ASN A 40 1.10 -14.50 -23.94
C ASN A 40 0.82 -15.97 -23.69
N ALA A 41 -0.28 -16.27 -23.01
CA ALA A 41 -0.64 -17.64 -22.72
C ALA A 41 -1.31 -18.31 -23.92
N GLY A 42 -0.75 -19.45 -24.36
CA GLY A 42 -1.29 -20.18 -25.49
C GLY A 42 -2.14 -21.33 -25.00
N THR A 43 -1.93 -21.69 -23.75
CA THR A 43 -2.71 -22.75 -23.13
C THR A 43 -2.98 -22.37 -21.69
N ILE A 44 -4.25 -22.17 -21.35
CA ILE A 44 -4.60 -21.80 -19.99
C ILE A 44 -5.42 -22.90 -19.35
N ALA A 45 -5.11 -23.21 -18.09
CA ALA A 45 -5.86 -24.26 -17.38
C ALA A 45 -6.95 -23.60 -16.53
N VAL A 46 -8.10 -24.27 -16.45
CA VAL A 46 -9.24 -23.74 -15.70
C VAL A 46 -10.30 -24.81 -15.42
N THR A 47 -11.08 -24.59 -14.38
CA THR A 47 -12.15 -25.51 -13.96
C THR A 47 -13.47 -24.98 -14.46
N ILE A 48 -14.54 -25.77 -14.32
CA ILE A 48 -15.86 -25.31 -14.73
C ILE A 48 -16.55 -24.80 -13.46
N SER A 49 -16.92 -23.53 -13.44
CA SER A 49 -17.56 -22.92 -12.29
C SER A 49 -18.80 -23.70 -11.87
N ARG A 50 -19.23 -23.49 -10.62
CA ARG A 50 -20.40 -24.17 -10.10
C ARG A 50 -20.90 -23.46 -8.85
N GLY A 51 -22.22 -23.34 -8.73
CA GLY A 51 -22.80 -22.70 -7.58
C GLY A 51 -22.27 -21.29 -7.34
N LEU A 52 -21.68 -21.08 -6.17
CA LEU A 52 -21.13 -19.79 -5.79
C LEU A 52 -19.66 -19.64 -6.16
N GLU A 53 -19.13 -20.64 -6.83
CA GLU A 53 -17.75 -20.58 -7.30
C GLU A 53 -17.78 -19.46 -8.32
N ILE A 54 -16.67 -18.75 -8.47
CA ILE A 54 -16.61 -17.67 -9.45
C ILE A 54 -16.95 -18.31 -10.80
N PRO A 55 -17.81 -17.65 -11.59
CA PRO A 55 -18.20 -18.18 -12.90
C PRO A 55 -16.99 -18.15 -13.82
N THR A 56 -16.74 -19.23 -14.54
CA THR A 56 -15.56 -19.27 -15.40
C THR A 56 -15.87 -19.26 -16.91
N ARG A 57 -17.13 -19.44 -17.25
CA ARG A 57 -17.53 -19.46 -18.65
C ARG A 57 -16.92 -18.30 -19.44
N PRO A 58 -17.12 -17.06 -18.99
CA PRO A 58 -16.54 -15.95 -19.75
C PRO A 58 -15.02 -16.07 -19.97
N VAL A 59 -14.36 -16.93 -19.22
CA VAL A 59 -12.92 -17.08 -19.36
C VAL A 59 -12.62 -18.04 -20.50
N ILE A 60 -13.22 -19.21 -20.44
CA ILE A 60 -13.02 -20.20 -21.47
C ILE A 60 -13.40 -19.59 -22.82
N GLU A 61 -14.59 -18.99 -22.88
CA GLU A 61 -15.06 -18.37 -24.10
C GLU A 61 -14.08 -17.33 -24.61
N GLN A 62 -13.56 -16.50 -23.71
CA GLN A 62 -12.62 -15.50 -24.16
C GLN A 62 -11.40 -16.19 -24.74
N ALA A 63 -10.86 -17.17 -24.03
CA ALA A 63 -9.68 -17.89 -24.52
C ALA A 63 -9.92 -18.46 -25.93
N TRP A 64 -11.05 -19.13 -26.12
CA TRP A 64 -11.33 -19.70 -27.42
C TRP A 64 -11.46 -18.65 -28.51
N GLU A 65 -11.77 -17.43 -28.08
CA GLU A 65 -11.94 -16.31 -29.00
C GLU A 65 -10.59 -15.74 -29.41
N GLU A 66 -9.55 -16.08 -28.65
CA GLU A 66 -8.22 -15.59 -28.96
C GLU A 66 -7.31 -16.71 -29.41
N GLY A 67 -7.91 -17.78 -29.90
CA GLY A 67 -7.14 -18.91 -30.39
C GLY A 67 -6.39 -19.76 -29.38
N LYS A 68 -6.09 -19.24 -28.20
CA LYS A 68 -5.38 -20.04 -27.19
C LYS A 68 -6.17 -21.29 -26.78
N GLN A 69 -5.47 -22.35 -26.36
CA GLN A 69 -6.10 -23.61 -25.95
C GLN A 69 -6.41 -23.69 -24.46
N VAL A 70 -7.55 -24.33 -24.13
CA VAL A 70 -7.96 -24.48 -22.74
C VAL A 70 -8.12 -25.95 -22.34
N CYS A 71 -7.64 -26.28 -21.14
CA CYS A 71 -7.72 -27.65 -20.65
C CYS A 71 -8.31 -27.64 -19.26
N ILE A 72 -9.35 -28.46 -19.09
CA ILE A 72 -10.04 -28.58 -17.81
C ILE A 72 -9.48 -29.75 -17.00
N PRO A 73 -9.66 -29.70 -15.67
CA PRO A 73 -9.16 -30.76 -14.79
C PRO A 73 -10.04 -32.00 -14.79
N LYS A 74 -9.43 -33.14 -14.47
CA LYS A 74 -10.14 -34.41 -14.41
C LYS A 74 -9.54 -35.22 -13.28
N CYS A 75 -9.84 -34.81 -12.06
CA CYS A 75 -9.33 -35.45 -10.86
C CYS A 75 -10.07 -36.71 -10.46
N THR A 79 -6.69 -41.36 -4.35
CA THR A 79 -6.45 -40.92 -5.72
C THR A 79 -6.32 -39.40 -5.73
N LYS A 80 -5.53 -38.86 -4.82
CA LYS A 80 -5.34 -37.42 -4.71
C LYS A 80 -4.47 -36.87 -5.85
N LYS A 81 -4.61 -37.46 -7.02
CA LYS A 81 -3.86 -37.06 -8.21
C LYS A 81 -4.78 -36.37 -9.22
N MSE A 82 -4.32 -35.26 -9.78
CA MSE A 82 -5.09 -34.48 -10.74
C MSE A 82 -4.37 -34.28 -12.08
O MSE A 82 -3.20 -33.89 -12.10
CB MSE A 82 -5.46 -33.12 -10.12
CG MSE A 82 -6.05 -32.09 -11.08
SE MSE A 82 -6.72 -30.50 -10.18
CE MSE A 82 -5.12 -29.87 -9.33
N GLN A 83 -5.07 -34.56 -13.18
CA GLN A 83 -4.51 -34.41 -14.52
C GLN A 83 -5.37 -33.50 -15.38
N PHE A 84 -4.72 -32.69 -16.20
CA PHE A 84 -5.41 -31.77 -17.09
C PHE A 84 -5.44 -32.26 -18.53
N ARG A 85 -6.59 -32.09 -19.17
CA ARG A 85 -6.77 -32.55 -20.54
C ARG A 85 -7.40 -31.44 -21.39
N THR A 86 -6.96 -31.31 -22.64
CA THR A 86 -7.48 -30.27 -23.50
C THR A 86 -8.99 -30.36 -23.68
N TYR A 87 -9.64 -29.20 -23.86
CA TYR A 87 -11.08 -29.14 -24.03
C TYR A 87 -11.42 -28.39 -25.30
N GLN A 88 -11.56 -29.13 -26.40
CA GLN A 88 -11.88 -28.56 -27.70
C GLN A 88 -13.19 -27.80 -27.66
N THR A 89 -13.22 -26.67 -28.34
CA THR A 89 -14.39 -25.83 -28.41
C THR A 89 -15.65 -26.58 -28.82
N ASP A 90 -16.73 -26.41 -28.07
CA ASP A 90 -18.01 -27.05 -28.38
C ASP A 90 -19.12 -26.00 -28.30
N ASP A 91 -20.11 -26.13 -29.18
CA ASP A 91 -21.23 -25.20 -29.25
C ASP A 91 -22.27 -25.55 -28.19
N GLN A 92 -21.80 -26.15 -27.11
CA GLN A 92 -22.68 -26.54 -26.01
C GLN A 92 -22.04 -26.28 -24.66
N LEU A 93 -21.12 -25.33 -24.61
CA LEU A 93 -20.46 -25.01 -23.36
C LEU A 93 -21.53 -24.54 -22.37
N GLU A 94 -22.52 -23.82 -22.88
CA GLU A 94 -23.60 -23.33 -22.03
C GLU A 94 -24.31 -24.51 -21.37
N THR A 95 -24.62 -25.52 -22.18
CA THR A 95 -25.27 -26.74 -21.71
C THR A 95 -24.45 -27.36 -20.58
N VAL A 96 -23.14 -27.33 -20.75
CA VAL A 96 -22.22 -27.86 -19.77
C VAL A 96 -22.28 -27.10 -18.46
N TYR A 97 -22.33 -25.77 -18.54
CA TYR A 97 -22.40 -24.97 -17.34
C TYR A 97 -23.78 -25.10 -16.68
N ALA A 98 -24.72 -25.69 -17.41
CA ALA A 98 -26.07 -25.89 -16.90
C ALA A 98 -26.15 -27.28 -16.26
N GLY A 99 -25.00 -27.90 -16.06
CA GLY A 99 -24.95 -29.22 -15.46
C GLY A 99 -25.83 -30.21 -16.19
N LEU A 100 -25.89 -30.09 -17.51
CA LEU A 100 -26.70 -30.99 -18.32
C LEU A 100 -25.91 -31.76 -19.36
N LEU A 101 -24.58 -31.66 -19.29
CA LEU A 101 -23.67 -32.35 -20.22
C LEU A 101 -22.24 -32.40 -19.69
N GLU A 102 -21.57 -33.53 -19.94
CA GLU A 102 -20.18 -33.74 -19.53
C GLU A 102 -19.27 -33.36 -20.69
N PRO A 103 -18.10 -32.76 -20.41
CA PRO A 103 -17.10 -32.33 -21.39
C PRO A 103 -16.44 -33.44 -22.23
N VAL A 104 -16.93 -34.66 -22.06
CA VAL A 104 -16.41 -35.84 -22.78
C VAL A 104 -15.18 -36.43 -22.09
N LYS A 107 -8.75 -39.32 -22.17
CA LYS A 107 -8.25 -39.19 -23.54
C LYS A 107 -6.72 -39.29 -23.57
N THR A 108 -6.18 -39.60 -24.75
CA THR A 108 -4.74 -39.75 -24.92
C THR A 108 -3.98 -38.47 -24.56
N LYS A 109 -4.70 -37.37 -24.43
CA LYS A 109 -4.10 -36.09 -24.09
C LYS A 109 -3.99 -35.89 -22.58
N GLU A 110 -2.85 -36.29 -22.02
CA GLU A 110 -2.62 -36.16 -20.59
C GLU A 110 -1.82 -34.88 -20.32
N VAL A 111 -2.10 -33.85 -21.12
CA VAL A 111 -1.46 -32.53 -21.07
C VAL A 111 -0.57 -32.28 -19.86
N ASN A 112 0.74 -32.38 -20.09
CA ASN A 112 1.73 -32.16 -19.04
C ASN A 112 1.70 -30.71 -18.56
N PRO A 113 1.99 -30.49 -17.27
CA PRO A 113 1.99 -29.15 -16.69
C PRO A 113 2.80 -28.13 -17.48
N SER A 114 4.00 -28.52 -17.91
CA SER A 114 4.88 -27.61 -18.64
C SER A 114 4.29 -27.03 -19.93
N GLN A 115 3.28 -27.69 -20.49
CA GLN A 115 2.66 -27.23 -21.72
C GLN A 115 1.57 -26.17 -21.53
N ILE A 116 1.15 -25.96 -20.29
CA ILE A 116 0.12 -24.96 -20.00
C ILE A 116 0.81 -23.70 -19.43
N ASP A 117 0.44 -22.55 -19.97
CA ASP A 117 1.07 -21.28 -19.59
C ASP A 117 0.43 -20.45 -18.51
N LEU A 118 -0.82 -20.72 -18.19
CA LEU A 118 -1.55 -19.99 -17.16
C LEU A 118 -2.49 -20.92 -16.42
N MSE A 119 -2.41 -20.88 -15.10
CA MSE A 119 -3.22 -21.72 -14.23
C MSE A 119 -4.24 -20.93 -13.41
O MSE A 119 -3.89 -20.32 -12.40
CB MSE A 119 -2.29 -22.48 -13.27
CG MSE A 119 -2.99 -23.22 -12.16
SE MSE A 119 -3.31 -25.09 -12.56
CE MSE A 119 -1.64 -25.78 -11.84
N ILE A 120 -5.49 -20.92 -13.86
CA ILE A 120 -6.54 -20.24 -13.13
C ILE A 120 -6.90 -21.21 -12.01
N VAL A 121 -6.57 -20.85 -10.77
CA VAL A 121 -6.83 -21.73 -9.62
C VAL A 121 -8.09 -21.38 -8.83
N PRO A 122 -8.96 -22.37 -8.59
CA PRO A 122 -10.21 -22.19 -7.83
C PRO A 122 -9.90 -22.27 -6.33
N GLY A 123 -10.81 -21.77 -5.50
CA GLY A 123 -10.61 -21.80 -4.06
C GLY A 123 -11.79 -21.21 -3.30
N VAL A 124 -11.88 -21.50 -2.01
CA VAL A 124 -12.97 -20.99 -1.21
C VAL A 124 -12.54 -19.79 -0.39
N CYS A 125 -11.37 -19.86 0.20
CA CYS A 125 -10.87 -18.74 0.99
C CYS A 125 -9.44 -18.45 0.64
N PHE A 126 -9.12 -17.18 0.60
CA PHE A 126 -7.77 -16.81 0.27
C PHE A 126 -7.14 -15.88 1.27
N ASP A 127 -5.82 -15.93 1.27
CA ASP A 127 -4.97 -15.14 2.14
C ASP A 127 -4.31 -14.07 1.27
N VAL A 128 -3.83 -13.00 1.88
CA VAL A 128 -3.17 -11.91 1.17
C VAL A 128 -1.82 -12.35 0.60
N ASN A 129 -1.35 -13.51 1.04
CA ASN A 129 -0.07 -14.07 0.61
C ASN A 129 -0.23 -15.23 -0.36
N GLY A 130 -1.45 -15.45 -0.85
CA GLY A 130 -1.68 -16.52 -1.80
C GLY A 130 -2.09 -17.87 -1.25
N PHE A 131 -2.44 -17.96 0.02
CA PHE A 131 -2.84 -19.25 0.56
C PHE A 131 -4.35 -19.42 0.46
N ARG A 132 -4.77 -20.66 0.26
CA ARG A 132 -6.19 -20.91 0.09
C ARG A 132 -6.79 -22.06 0.85
N VAL A 133 -8.11 -21.99 1.01
CA VAL A 133 -8.90 -23.03 1.65
C VAL A 133 -9.49 -23.83 0.51
N GLY A 134 -9.07 -25.08 0.39
CA GLY A 134 -9.56 -25.93 -0.68
C GLY A 134 -11.04 -26.26 -0.58
N PHE A 135 -11.49 -27.17 -1.43
CA PHE A 135 -12.89 -27.58 -1.41
C PHE A 135 -13.02 -28.89 -0.63
N GLY A 136 -11.88 -29.37 -0.12
CA GLY A 136 -11.87 -30.62 0.61
C GLY A 136 -11.22 -31.69 -0.23
N GLY A 137 -11.10 -31.42 -1.53
CA GLY A 137 -10.49 -32.39 -2.42
C GLY A 137 -9.04 -32.71 -2.09
N GLY A 138 -8.18 -31.70 -2.22
CA GLY A 138 -6.77 -31.88 -1.93
C GLY A 138 -5.91 -31.94 -3.18
N TYR A 139 -6.52 -31.76 -4.34
CA TYR A 139 -5.81 -31.81 -5.61
C TYR A 139 -4.93 -30.59 -5.90
N TYR A 140 -5.54 -29.41 -5.93
CA TYR A 140 -4.80 -28.18 -6.20
C TYR A 140 -3.74 -27.88 -5.15
N ASP A 141 -3.72 -28.67 -4.09
CA ASP A 141 -2.74 -28.46 -3.03
C ASP A 141 -1.46 -29.20 -3.37
N ARG A 142 -1.59 -30.22 -4.20
CA ARG A 142 -0.44 -31.04 -4.59
C ARG A 142 0.00 -30.78 -6.03
N TYR A 143 -0.95 -30.52 -6.91
CA TYR A 143 -0.62 -30.27 -8.31
C TYR A 143 0.23 -29.02 -8.50
N LEU A 144 0.20 -28.13 -7.52
CA LEU A 144 0.99 -26.91 -7.62
C LEU A 144 2.47 -27.12 -7.32
N SER A 145 2.77 -28.15 -6.53
CA SER A 145 4.15 -28.47 -6.17
C SER A 145 4.78 -29.28 -7.29
N GLU A 146 3.96 -29.54 -8.31
CA GLU A 146 4.36 -30.29 -9.50
C GLU A 146 4.43 -29.27 -10.64
N TYR A 147 3.70 -28.18 -10.46
CA TYR A 147 3.63 -27.11 -11.44
C TYR A 147 4.64 -26.03 -11.11
N GLU A 148 5.11 -25.32 -12.13
CA GLU A 148 6.07 -24.26 -11.92
C GLU A 148 5.90 -23.12 -12.90
N GLY A 149 4.68 -22.95 -13.39
CA GLY A 149 4.41 -21.89 -14.34
C GLY A 149 3.74 -20.73 -13.64
N LYS A 150 2.94 -19.98 -14.38
CA LYS A 150 2.24 -18.83 -13.83
C LYS A 150 0.88 -19.26 -13.27
N THR A 151 0.59 -18.85 -12.04
CA THR A 151 -0.67 -19.18 -11.39
C THR A 151 -1.45 -17.96 -10.91
N VAL A 152 -2.76 -18.00 -11.10
CA VAL A 152 -3.60 -16.90 -10.66
C VAL A 152 -4.92 -17.40 -10.10
N SER A 153 -5.56 -16.56 -9.29
CA SER A 153 -6.83 -16.91 -8.71
C SER A 153 -7.78 -15.72 -8.73
N LEU A 154 -8.95 -15.94 -9.29
CA LEU A 154 -9.97 -14.91 -9.36
C LEU A 154 -10.90 -15.11 -8.19
N LEU A 155 -11.11 -14.08 -7.38
CA LEU A 155 -12.03 -14.18 -6.24
C LEU A 155 -12.59 -12.86 -5.78
N LEU A 156 -13.75 -12.92 -5.14
CA LEU A 156 -14.43 -11.74 -4.62
C LEU A 156 -13.67 -11.30 -3.39
N GLU A 157 -13.87 -10.05 -2.99
CA GLU A 157 -13.21 -9.52 -1.83
C GLU A 157 -13.72 -10.20 -0.55
N CYS A 158 -14.96 -10.68 -0.57
CA CYS A 158 -15.52 -11.35 0.59
C CYS A 158 -14.94 -12.77 0.76
N GLN A 159 -13.97 -13.10 -0.10
CA GLN A 159 -13.29 -14.41 -0.09
C GLN A 159 -11.85 -14.24 0.37
N LEU A 160 -11.43 -12.98 0.52
CA LEU A 160 -10.08 -12.65 0.92
C LEU A 160 -9.98 -12.30 2.39
N PHE A 161 -9.03 -12.93 3.07
CA PHE A 161 -8.84 -12.71 4.50
C PHE A 161 -7.39 -12.44 4.91
N ALA A 162 -7.23 -12.07 6.18
CA ALA A 162 -5.93 -11.75 6.76
C ALA A 162 -4.98 -12.94 6.84
N HIS A 163 -5.47 -14.07 7.32
CA HIS A 163 -4.64 -15.26 7.44
C HIS A 163 -5.53 -16.47 7.22
N VAL A 164 -4.95 -17.53 6.67
CA VAL A 164 -5.68 -18.77 6.41
C VAL A 164 -4.90 -19.98 6.91
N PRO A 165 -5.58 -20.90 7.63
CA PRO A 165 -4.92 -22.10 8.16
C PRO A 165 -3.91 -22.75 7.19
N ARG A 166 -2.63 -22.61 7.54
CA ARG A 166 -1.52 -23.15 6.75
C ARG A 166 -1.24 -24.61 7.06
N LEU A 167 -0.57 -25.29 6.13
CA LEU A 167 -0.21 -26.70 6.29
C LEU A 167 1.20 -26.89 5.76
N PRO A 168 1.91 -27.92 6.25
CA PRO A 168 3.28 -28.19 5.81
C PRO A 168 3.41 -28.57 4.33
N HIS A 169 2.28 -28.53 3.62
CA HIS A 169 2.25 -28.85 2.19
C HIS A 169 1.57 -27.75 1.38
N ASP A 170 1.09 -26.72 2.07
CA ASP A 170 0.42 -25.64 1.38
C ASP A 170 1.32 -24.77 0.55
N ILE A 171 0.98 -24.66 -0.73
CA ILE A 171 1.72 -23.85 -1.68
C ILE A 171 0.81 -22.71 -2.13
N PRO A 172 1.24 -21.47 -1.95
CA PRO A 172 0.45 -20.30 -2.34
C PRO A 172 0.34 -20.07 -3.84
N VAL A 173 -0.72 -19.36 -4.22
CA VAL A 173 -0.98 -19.02 -5.60
C VAL A 173 -0.23 -17.71 -5.84
N HIS A 174 0.32 -17.53 -7.03
CA HIS A 174 1.09 -16.32 -7.35
C HIS A 174 0.35 -14.99 -7.37
N LYS A 175 -0.77 -14.92 -8.06
CA LYS A 175 -1.53 -13.67 -8.12
C LYS A 175 -2.97 -13.80 -7.67
N LEU A 176 -3.48 -12.73 -7.08
CA LEU A 176 -4.84 -12.72 -6.58
C LEU A 176 -5.62 -11.57 -7.23
N ILE A 177 -6.57 -11.89 -8.10
CA ILE A 177 -7.32 -10.81 -8.71
C ILE A 177 -8.75 -10.77 -8.17
N THR A 178 -9.15 -9.59 -7.73
CA THR A 178 -10.48 -9.37 -7.17
C THR A 178 -11.20 -8.26 -7.92
N GLU A 179 -12.47 -8.05 -7.58
CA GLU A 179 -13.26 -7.03 -8.25
C GLU A 179 -12.78 -5.61 -7.94
N ASP A 180 -11.98 -5.48 -6.89
CA ASP A 180 -11.50 -4.18 -6.46
C ASP A 180 -10.08 -3.89 -6.90
N ARG A 181 -9.26 -4.93 -6.97
CA ARG A 181 -7.85 -4.74 -7.32
C ARG A 181 -7.22 -6.05 -7.76
N ILE A 182 -5.90 -6.10 -7.64
CA ILE A 182 -5.12 -7.28 -7.99
C ILE A 182 -3.94 -7.33 -7.04
N ILE A 183 -3.57 -8.54 -6.61
CA ILE A 183 -2.47 -8.68 -5.68
C ILE A 183 -1.40 -9.68 -6.10
N SER A 184 -0.15 -9.33 -5.78
CA SER A 184 1.00 -10.17 -6.08
C SER A 184 1.54 -10.79 -4.80
N CYS A 185 2.25 -11.89 -4.97
CA CYS A 185 2.84 -12.65 -3.87
C CYS A 185 3.53 -13.88 -4.48
N PHE A 186 3.76 -14.92 -3.68
CA PHE A 186 4.41 -16.12 -4.21
C PHE A 186 3.40 -17.23 -4.50
N GLN B 4 2.17 25.81 -6.32
CA GLN B 4 1.35 26.73 -7.16
C GLN B 4 0.35 25.95 -8.01
N LEU B 5 0.71 25.69 -9.26
CA LEU B 5 -0.16 24.94 -10.16
C LEU B 5 -0.03 23.43 -9.90
N ARG B 6 0.60 23.10 -8.78
CA ARG B 6 0.78 21.70 -8.38
C ARG B 6 -0.60 21.09 -8.14
N LYS B 7 -1.62 21.94 -8.16
CA LYS B 7 -2.99 21.50 -7.97
C LYS B 7 -3.25 20.57 -9.14
N LYS B 8 -2.82 21.00 -10.32
CA LYS B 8 -3.00 20.22 -11.54
C LYS B 8 -2.35 18.85 -11.37
N THR B 9 -1.10 18.83 -10.94
CA THR B 9 -0.42 17.57 -10.74
C THR B 9 -1.24 16.66 -9.83
N LEU B 10 -1.87 17.24 -8.81
CA LEU B 10 -2.68 16.49 -7.87
C LEU B 10 -3.85 15.85 -8.60
N GLU B 11 -4.53 16.66 -9.40
CA GLU B 11 -5.68 16.17 -10.17
C GLU B 11 -5.29 15.13 -11.21
N ALA B 12 -4.22 15.41 -11.95
CA ALA B 12 -3.76 14.51 -12.98
C ALA B 12 -3.24 13.20 -12.43
N LEU B 13 -2.60 13.28 -11.28
CA LEU B 13 -2.02 12.11 -10.66
C LEU B 13 -3.11 11.23 -10.07
N SER B 14 -3.97 11.84 -9.26
CA SER B 14 -5.06 11.11 -8.62
C SER B 14 -6.11 10.59 -9.60
N ALA B 15 -6.05 11.05 -10.84
CA ALA B 15 -7.02 10.63 -11.86
C ALA B 15 -6.53 9.40 -12.61
N LEU B 16 -5.21 9.20 -12.59
CA LEU B 16 -4.60 8.07 -13.26
C LEU B 16 -5.08 6.72 -12.76
N SER B 17 -5.33 5.81 -13.71
CA SER B 17 -5.79 4.47 -13.41
C SER B 17 -4.83 3.93 -12.36
N ASN B 18 -5.37 3.41 -11.26
CA ASN B 18 -4.51 2.90 -10.21
C ASN B 18 -3.58 1.84 -10.79
N GLU B 19 -4.13 0.98 -11.63
CA GLU B 19 -3.38 -0.09 -12.26
C GLU B 19 -2.38 0.47 -13.26
N ASP B 20 -2.67 1.66 -13.77
CA ASP B 20 -1.79 2.30 -14.75
C ASP B 20 -0.48 2.78 -14.16
N ILE B 21 -0.57 3.49 -13.04
CA ILE B 21 0.62 4.00 -12.40
C ILE B 21 1.63 2.88 -12.23
N LEU B 22 1.15 1.69 -11.89
CA LEU B 22 2.05 0.54 -11.72
C LEU B 22 2.84 0.27 -13.00
N GLN B 23 2.12 0.20 -14.13
CA GLN B 23 2.75 -0.07 -15.43
C GLN B 23 3.76 1.02 -15.86
N LYS B 24 3.41 2.27 -15.59
CA LYS B 24 4.27 3.40 -15.95
C LYS B 24 5.54 3.46 -15.12
N THR B 25 5.37 3.28 -13.81
CA THR B 25 6.49 3.29 -12.88
C THR B 25 7.47 2.18 -13.27
N GLU B 26 6.93 1.10 -13.83
CA GLU B 26 7.76 -0.01 -14.23
C GLU B 26 8.79 0.48 -15.26
N ARG B 27 8.29 0.97 -16.39
CA ARG B 27 9.15 1.48 -17.45
C ARG B 27 10.16 2.46 -16.86
N MSE B 28 9.73 3.29 -15.91
CA MSE B 28 10.68 4.22 -15.30
C MSE B 28 11.79 3.41 -14.64
O MSE B 28 12.97 3.73 -14.79
CB MSE B 28 10.04 5.07 -14.21
CG MSE B 28 8.75 5.79 -14.54
SE MSE B 28 8.25 7.06 -13.12
CE MSE B 28 9.02 6.17 -11.60
N TYR B 29 11.41 2.35 -13.93
CA TYR B 29 12.40 1.52 -13.24
C TYR B 29 13.45 0.89 -14.17
N LYS B 30 12.97 0.36 -15.29
CA LYS B 30 13.84 -0.25 -16.31
C LYS B 30 14.78 0.82 -16.87
N TYR B 31 14.23 1.99 -17.16
CA TYR B 31 15.06 3.08 -17.67
C TYR B 31 16.15 3.37 -16.66
N LEU B 32 15.79 3.37 -15.39
CA LEU B 32 16.76 3.69 -14.34
C LEU B 32 17.83 2.66 -14.15
N PHE B 33 17.44 1.41 -13.97
CA PHE B 33 18.42 0.34 -13.73
C PHE B 33 19.44 0.07 -14.83
N SER B 34 19.11 0.38 -16.08
CA SER B 34 20.06 0.14 -17.17
C SER B 34 20.94 1.36 -17.42
N LEU B 35 21.02 2.23 -16.42
CA LEU B 35 21.79 3.46 -16.53
C LEU B 35 23.18 3.41 -15.87
N PRO B 36 24.22 3.80 -16.61
CA PRO B 36 25.60 3.80 -16.10
C PRO B 36 25.74 4.54 -14.77
N GLU B 37 25.03 5.66 -14.65
CA GLU B 37 25.09 6.44 -13.43
C GLU B 37 24.44 5.64 -12.29
N TRP B 38 23.71 4.58 -12.64
CA TRP B 38 23.05 3.73 -11.66
C TRP B 38 23.85 2.48 -11.33
N GLN B 39 24.10 1.68 -12.36
CA GLN B 39 24.85 0.44 -12.20
C GLN B 39 26.23 0.66 -11.60
N ASN B 40 26.76 1.87 -11.75
CA ASN B 40 28.09 2.20 -11.25
C ASN B 40 28.09 2.90 -9.89
N ALA B 41 26.91 3.15 -9.34
CA ALA B 41 26.83 3.82 -8.05
C ALA B 41 26.83 2.83 -6.91
N GLY B 42 27.70 3.08 -5.93
CA GLY B 42 27.80 2.20 -4.78
C GLY B 42 26.80 2.59 -3.71
N THR B 43 26.77 3.86 -3.34
CA THR B 43 25.84 4.34 -2.32
C THR B 43 24.79 5.19 -3.02
N ILE B 44 23.51 4.95 -2.70
CA ILE B 44 22.43 5.72 -3.32
C ILE B 44 21.54 6.41 -2.31
N ALA B 45 21.20 7.67 -2.59
CA ALA B 45 20.33 8.45 -1.71
C ALA B 45 18.93 8.39 -2.28
N VAL B 46 17.96 8.05 -1.44
CA VAL B 46 16.60 7.95 -1.94
C VAL B 46 15.69 8.27 -0.80
N THR B 47 14.39 8.33 -1.04
CA THR B 47 13.44 8.63 0.03
C THR B 47 12.31 7.63 0.11
N ILE B 48 11.73 7.50 1.30
CA ILE B 48 10.62 6.59 1.49
C ILE B 48 9.38 7.30 0.95
N SER B 49 8.83 6.80 -0.15
CA SER B 49 7.69 7.46 -0.76
C SER B 49 6.36 7.25 -0.04
N ARG B 50 5.39 8.11 -0.35
CA ARG B 50 4.08 7.99 0.25
C ARG B 50 2.99 8.62 -0.61
N GLY B 51 1.77 8.21 -0.34
CA GLY B 51 0.63 8.76 -1.04
C GLY B 51 0.65 8.76 -2.55
N LEU B 52 0.58 9.95 -3.14
CA LEU B 52 0.58 10.05 -4.59
C LEU B 52 1.97 10.27 -5.20
N GLU B 53 2.99 10.27 -4.35
CA GLU B 53 4.36 10.43 -4.81
C GLU B 53 4.74 9.21 -5.67
N ILE B 54 5.95 9.23 -6.23
CA ILE B 54 6.43 8.11 -7.05
C ILE B 54 6.95 7.00 -6.13
N PRO B 55 6.38 5.78 -6.23
CA PRO B 55 6.81 4.67 -5.38
C PRO B 55 8.31 4.35 -5.47
N THR B 56 9.02 4.48 -4.34
CA THR B 56 10.47 4.23 -4.24
C THR B 56 10.88 2.84 -3.80
N ARG B 57 9.95 2.09 -3.20
CA ARG B 57 10.24 0.75 -2.73
C ARG B 57 11.06 -0.04 -3.76
N PRO B 58 10.52 -0.21 -4.97
CA PRO B 58 11.25 -0.96 -6.00
C PRO B 58 12.69 -0.52 -6.20
N VAL B 59 12.95 0.77 -5.98
CA VAL B 59 14.28 1.33 -6.14
C VAL B 59 15.19 0.93 -4.98
N ILE B 60 14.66 0.93 -3.77
CA ILE B 60 15.48 0.54 -2.63
C ILE B 60 15.71 -0.96 -2.69
N GLU B 61 14.64 -1.70 -2.94
CA GLU B 61 14.70 -3.14 -3.06
C GLU B 61 15.72 -3.58 -4.13
N GLN B 62 15.80 -2.81 -5.22
CA GLN B 62 16.72 -3.11 -6.31
C GLN B 62 18.13 -2.71 -5.96
N ALA B 63 18.27 -1.60 -5.24
CA ALA B 63 19.58 -1.13 -4.84
C ALA B 63 20.25 -2.19 -3.98
N TRP B 64 19.48 -2.73 -3.05
CA TRP B 64 19.99 -3.75 -2.16
C TRP B 64 20.30 -5.04 -2.91
N GLU B 65 19.39 -5.44 -3.79
CA GLU B 65 19.57 -6.67 -4.56
C GLU B 65 20.86 -6.66 -5.38
N GLU B 66 21.40 -5.47 -5.66
CA GLU B 66 22.64 -5.35 -6.40
C GLU B 66 23.74 -4.99 -5.41
N GLY B 67 23.50 -5.30 -4.14
CA GLY B 67 24.48 -5.02 -3.12
C GLY B 67 24.96 -3.59 -3.03
N LYS B 68 24.05 -2.63 -3.21
CA LYS B 68 24.41 -1.21 -3.13
C LYS B 68 23.99 -0.64 -1.78
N GLN B 69 24.72 0.36 -1.31
CA GLN B 69 24.41 1.04 -0.06
C GLN B 69 23.24 1.97 -0.32
N VAL B 70 22.37 2.14 0.66
CA VAL B 70 21.21 3.02 0.51
C VAL B 70 21.08 3.92 1.71
N CYS B 71 20.86 5.21 1.48
CA CYS B 71 20.71 6.12 2.60
C CYS B 71 19.45 6.94 2.36
N ILE B 72 18.74 7.23 3.45
CA ILE B 72 17.50 8.02 3.36
C ILE B 72 17.65 9.26 4.21
N PRO B 73 16.87 10.29 3.89
CA PRO B 73 16.96 11.53 4.66
C PRO B 73 16.34 11.50 6.04
N LYS B 74 16.70 12.50 6.84
CA LYS B 74 16.19 12.62 8.19
C LYS B 74 16.26 14.10 8.54
N CYS B 75 15.80 14.93 7.62
CA CYS B 75 15.78 16.38 7.75
C CYS B 75 15.12 16.94 9.00
N HIS B 76 15.70 18.02 9.52
CA HIS B 76 15.21 18.67 10.73
C HIS B 76 14.14 19.73 10.49
N PRO B 77 13.25 19.93 11.47
CA PRO B 77 12.16 20.90 11.42
C PRO B 77 12.60 22.33 11.77
N ASP B 78 11.78 23.30 11.36
CA ASP B 78 12.04 24.73 11.60
C ASP B 78 13.29 25.23 10.86
N THR B 79 14.04 24.29 10.29
CA THR B 79 15.25 24.61 9.54
C THR B 79 15.31 23.81 8.24
N LYS B 80 16.06 24.32 7.27
CA LYS B 80 16.18 23.62 5.99
C LYS B 80 17.38 22.66 6.00
N LYS B 81 17.65 22.07 7.15
CA LYS B 81 18.74 21.13 7.32
C LYS B 81 18.30 19.69 7.05
N MSE B 82 18.93 19.06 6.07
CA MSE B 82 18.63 17.68 5.72
C MSE B 82 19.96 16.95 5.68
O MSE B 82 20.94 17.44 5.12
CB MSE B 82 17.96 17.61 4.34
CG MSE B 82 17.61 16.20 3.87
SE MSE B 82 16.68 16.15 2.12
CE MSE B 82 14.84 16.08 2.73
N GLN B 83 19.99 15.78 6.31
CA GLN B 83 21.20 14.99 6.35
C GLN B 83 20.87 13.55 6.04
N PHE B 84 21.44 13.03 4.96
CA PHE B 84 21.19 11.65 4.56
C PHE B 84 21.93 10.68 5.49
N ARG B 85 21.26 9.61 5.90
CA ARG B 85 21.86 8.59 6.77
C ARG B 85 21.63 7.18 6.23
N THR B 86 22.66 6.33 6.37
CA THR B 86 22.60 4.95 5.86
C THR B 86 21.39 4.15 6.36
N TYR B 87 20.86 3.32 5.48
CA TYR B 87 19.71 2.50 5.81
C TYR B 87 20.03 1.09 5.38
N GLN B 88 20.17 0.20 6.36
CA GLN B 88 20.50 -1.20 6.09
C GLN B 88 19.32 -2.02 5.63
N THR B 89 19.63 -3.08 4.90
CA THR B 89 18.63 -4.00 4.37
C THR B 89 17.56 -4.26 5.41
N ASP B 90 16.34 -3.82 5.12
CA ASP B 90 15.24 -3.99 6.05
C ASP B 90 14.19 -4.98 5.55
N ASP B 91 14.09 -6.12 6.26
CA ASP B 91 13.13 -7.16 5.93
C ASP B 91 11.72 -6.68 6.28
N GLN B 92 11.63 -5.49 6.84
CA GLN B 92 10.33 -4.93 7.19
C GLN B 92 10.07 -3.74 6.28
N LEU B 93 10.81 -3.70 5.17
CA LEU B 93 10.69 -2.63 4.20
C LEU B 93 9.24 -2.39 3.80
N GLU B 94 8.48 -3.46 3.61
CA GLU B 94 7.10 -3.33 3.22
C GLU B 94 6.26 -2.73 4.34
N THR B 95 6.67 -3.01 5.58
CA THR B 95 5.96 -2.51 6.74
C THR B 95 6.18 -1.01 6.85
N VAL B 96 7.38 -0.57 6.48
CA VAL B 96 7.74 0.83 6.50
C VAL B 96 6.91 1.59 5.46
N TYR B 97 6.81 1.03 4.26
CA TYR B 97 6.04 1.67 3.20
C TYR B 97 4.56 1.68 3.52
N ALA B 98 4.14 0.78 4.40
CA ALA B 98 2.76 0.76 4.81
C ALA B 98 2.52 1.83 5.89
N GLY B 99 3.58 2.48 6.36
CA GLY B 99 3.43 3.51 7.39
C GLY B 99 3.15 2.91 8.78
N LEU B 100 3.48 1.63 8.95
CA LEU B 100 3.27 0.91 10.20
C LEU B 100 4.59 0.59 10.89
N LEU B 101 5.63 1.35 10.58
CA LEU B 101 6.95 1.15 11.16
C LEU B 101 7.94 2.12 10.57
N GLU B 102 8.39 3.07 11.37
CA GLU B 102 9.37 4.02 10.90
C GLU B 102 10.65 3.25 10.61
N PRO B 103 11.35 3.62 9.52
CA PRO B 103 12.59 2.94 9.17
C PRO B 103 13.66 3.10 10.23
N VAL B 104 14.13 1.97 10.76
CA VAL B 104 15.17 1.98 11.77
C VAL B 104 16.51 2.18 11.07
N ILE B 105 17.19 3.27 11.42
CA ILE B 105 18.47 3.61 10.84
C ILE B 105 19.47 3.98 11.94
N LYS B 107 22.56 3.46 14.95
CA LYS B 107 21.58 4.51 14.70
C LYS B 107 22.09 5.53 13.69
N THR B 108 22.49 6.70 14.19
CA THR B 108 22.99 7.77 13.35
C THR B 108 24.38 7.52 12.76
N LYS B 109 24.41 7.29 11.45
CA LYS B 109 25.66 7.06 10.72
C LYS B 109 25.71 8.02 9.54
N GLU B 110 25.96 9.29 9.85
CA GLU B 110 26.03 10.35 8.85
C GLU B 110 26.77 9.96 7.58
N VAL B 111 26.21 10.36 6.43
CA VAL B 111 26.81 10.09 5.15
C VAL B 111 26.92 11.41 4.40
N ASN B 112 28.14 11.97 4.38
CA ASN B 112 28.39 13.24 3.73
C ASN B 112 28.11 13.24 2.25
N PRO B 113 27.76 14.42 1.70
CA PRO B 113 27.46 14.59 0.29
C PRO B 113 28.43 13.89 -0.66
N SER B 114 29.72 14.17 -0.51
CA SER B 114 30.72 13.56 -1.38
C SER B 114 30.74 12.04 -1.28
N GLN B 115 29.92 11.47 -0.42
CA GLN B 115 29.89 10.03 -0.27
C GLN B 115 28.73 9.44 -1.05
N ILE B 116 27.83 10.30 -1.51
CA ILE B 116 26.66 9.88 -2.29
C ILE B 116 26.99 9.88 -3.78
N ASP B 117 26.80 8.75 -4.42
CA ASP B 117 27.10 8.61 -5.83
C ASP B 117 25.91 9.06 -6.69
N LEU B 118 24.77 8.41 -6.49
CA LEU B 118 23.57 8.75 -7.25
C LEU B 118 22.48 9.16 -6.29
N MSE B 119 21.80 10.25 -6.61
CA MSE B 119 20.73 10.72 -5.75
C MSE B 119 19.39 10.90 -6.44
O MSE B 119 19.23 11.74 -7.34
CB MSE B 119 21.12 12.04 -5.10
CG MSE B 119 20.01 12.63 -4.24
SE MSE B 119 20.56 14.22 -3.35
CE MSE B 119 21.49 13.36 -1.90
N ILE B 120 18.41 10.11 -6.02
CA ILE B 120 17.08 10.20 -6.58
C ILE B 120 16.38 11.35 -5.87
N VAL B 121 16.14 12.42 -6.63
CA VAL B 121 15.51 13.61 -6.11
C VAL B 121 13.99 13.59 -6.30
N PRO B 122 13.25 13.61 -5.18
CA PRO B 122 11.79 13.58 -5.24
C PRO B 122 11.26 14.97 -5.60
N GLY B 123 10.08 15.02 -6.23
CA GLY B 123 9.47 16.28 -6.63
C GLY B 123 8.00 16.15 -6.98
N VAL B 124 7.26 17.26 -7.01
CA VAL B 124 5.84 17.21 -7.39
C VAL B 124 5.65 17.78 -8.79
N CYS B 125 6.38 18.84 -9.09
CA CYS B 125 6.31 19.48 -10.41
C CYS B 125 7.68 19.69 -11.04
N PHE B 126 7.83 19.26 -12.29
CA PHE B 126 9.10 19.40 -13.01
C PHE B 126 8.93 20.06 -14.37
N ASP B 127 10.06 20.45 -14.95
CA ASP B 127 10.10 21.03 -16.29
C ASP B 127 11.21 20.26 -16.99
N VAL B 128 11.27 20.41 -18.31
CA VAL B 128 12.27 19.70 -19.11
C VAL B 128 13.69 20.13 -18.78
N ASN B 129 13.84 21.31 -18.21
CA ASN B 129 15.16 21.81 -17.85
C ASN B 129 15.70 21.31 -16.52
N GLY B 130 15.06 20.30 -15.95
CA GLY B 130 15.55 19.79 -14.69
C GLY B 130 15.11 20.60 -13.48
N PHE B 131 14.36 21.68 -13.72
CA PHE B 131 13.88 22.49 -12.62
C PHE B 131 12.69 21.78 -11.98
N ARG B 132 12.54 21.95 -10.67
CA ARG B 132 11.44 21.30 -9.94
C ARG B 132 10.74 22.20 -8.94
N VAL B 133 9.58 21.73 -8.50
CA VAL B 133 8.76 22.40 -7.51
C VAL B 133 8.77 21.42 -6.34
N GLY B 134 9.40 21.79 -5.24
CA GLY B 134 9.49 20.91 -4.08
C GLY B 134 8.18 20.66 -3.37
N PHE B 135 8.27 20.10 -2.17
CA PHE B 135 7.06 19.82 -1.40
C PHE B 135 6.72 20.94 -0.43
N GLY B 136 7.68 21.83 -0.20
CA GLY B 136 7.43 22.94 0.70
C GLY B 136 8.57 23.20 1.67
N GLY B 137 9.11 22.13 2.24
CA GLY B 137 10.21 22.30 3.17
C GLY B 137 11.35 23.11 2.57
N GLY B 138 11.71 22.81 1.34
CA GLY B 138 12.80 23.54 0.72
C GLY B 138 14.13 22.91 1.08
N TYR B 139 14.08 21.66 1.51
CA TYR B 139 15.29 20.93 1.90
C TYR B 139 16.15 20.60 0.70
N TYR B 140 15.52 20.13 -0.37
CA TYR B 140 16.26 19.79 -1.57
C TYR B 140 16.80 21.01 -2.30
N ASP B 141 16.03 22.08 -2.33
CA ASP B 141 16.47 23.29 -2.98
C ASP B 141 17.73 23.79 -2.28
N ARG B 142 17.93 23.35 -1.04
CA ARG B 142 19.10 23.75 -0.26
C ARG B 142 20.18 22.68 -0.32
N TYR B 143 19.77 21.42 -0.39
CA TYR B 143 20.73 20.33 -0.44
C TYR B 143 21.41 20.22 -1.80
N LEU B 144 20.61 20.29 -2.86
CA LEU B 144 21.11 20.19 -4.22
C LEU B 144 22.08 21.32 -4.59
N SER B 145 21.94 22.46 -3.93
CA SER B 145 22.78 23.63 -4.16
C SER B 145 24.22 23.30 -3.78
N GLU B 146 24.38 22.39 -2.83
CA GLU B 146 25.71 21.98 -2.39
C GLU B 146 25.99 20.50 -2.66
N TYR B 147 25.45 19.97 -3.75
CA TYR B 147 25.69 18.59 -4.10
C TYR B 147 26.33 18.59 -5.48
N GLU B 148 27.50 17.98 -5.58
CA GLU B 148 28.23 17.92 -6.84
C GLU B 148 28.18 16.53 -7.45
N GLY B 149 27.25 15.71 -6.98
CA GLY B 149 27.12 14.36 -7.49
C GLY B 149 26.04 14.22 -8.54
N LYS B 150 25.77 12.98 -8.96
CA LYS B 150 24.74 12.77 -9.96
C LYS B 150 23.37 12.93 -9.33
N THR B 151 22.43 13.46 -10.09
CA THR B 151 21.06 13.65 -9.61
C THR B 151 20.08 13.24 -10.71
N VAL B 152 19.11 12.41 -10.34
CA VAL B 152 18.08 11.91 -11.25
C VAL B 152 16.74 11.93 -10.52
N SER B 153 15.69 12.31 -11.23
CA SER B 153 14.37 12.34 -10.64
C SER B 153 13.37 11.62 -11.54
N LEU B 154 12.63 10.69 -10.94
CA LEU B 154 11.63 9.91 -11.65
C LEU B 154 10.30 10.66 -11.55
N LEU B 155 9.45 10.53 -12.56
CA LEU B 155 8.16 11.20 -12.51
C LEU B 155 7.27 10.87 -13.68
N LEU B 156 5.97 10.92 -13.44
CA LEU B 156 5.00 10.65 -14.47
C LEU B 156 4.91 11.90 -15.35
N GLU B 157 4.58 11.68 -16.62
CA GLU B 157 4.48 12.76 -17.58
C GLU B 157 3.58 13.91 -17.09
N CYS B 158 2.55 13.57 -16.32
CA CYS B 158 1.63 14.59 -15.81
C CYS B 158 2.28 15.42 -14.71
N GLN B 159 3.59 15.25 -14.53
CA GLN B 159 4.33 15.99 -13.53
C GLN B 159 5.25 16.95 -14.26
N LEU B 160 5.59 16.58 -15.50
CA LEU B 160 6.47 17.37 -16.32
C LEU B 160 5.72 18.46 -17.06
N PHE B 161 6.24 19.67 -16.98
CA PHE B 161 5.64 20.82 -17.64
C PHE B 161 6.66 21.51 -18.54
N ALA B 162 6.19 22.04 -19.66
CA ALA B 162 7.05 22.75 -20.60
C ALA B 162 7.95 23.71 -19.83
N HIS B 163 7.41 24.28 -18.76
CA HIS B 163 8.16 25.22 -17.95
C HIS B 163 7.58 25.35 -16.55
N VAL B 164 8.47 25.41 -15.56
CA VAL B 164 8.08 25.53 -14.16
C VAL B 164 8.56 26.84 -13.56
N PRO B 165 7.66 27.57 -12.86
CA PRO B 165 7.99 28.86 -12.24
C PRO B 165 9.28 28.77 -11.43
N ARG B 166 10.36 29.28 -12.01
CA ARG B 166 11.67 29.26 -11.36
C ARG B 166 11.90 30.56 -10.60
N LEU B 167 13.09 30.69 -10.02
CA LEU B 167 13.49 31.87 -9.29
C LEU B 167 15.01 31.89 -9.26
N PRO B 168 15.62 33.09 -9.16
CA PRO B 168 17.08 33.19 -9.13
C PRO B 168 17.67 32.64 -7.84
N HIS B 169 18.01 31.36 -7.86
CA HIS B 169 18.59 30.71 -6.67
C HIS B 169 19.17 29.34 -6.94
N ASP B 170 18.44 28.30 -6.52
CA ASP B 170 18.88 26.92 -6.67
C ASP B 170 18.80 26.29 -8.04
N ILE B 171 19.72 25.35 -8.26
CA ILE B 171 19.86 24.62 -9.50
C ILE B 171 18.83 23.50 -9.72
N PRO B 172 18.75 23.00 -10.95
CA PRO B 172 17.85 21.93 -11.39
C PRO B 172 18.58 20.58 -11.39
N VAL B 173 17.83 19.48 -11.41
CA VAL B 173 18.43 18.15 -11.42
C VAL B 173 19.09 17.85 -12.78
N HIS B 174 20.02 16.91 -12.80
CA HIS B 174 20.73 16.57 -14.02
C HIS B 174 20.02 15.68 -15.02
N LYS B 175 19.15 14.79 -14.56
CA LYS B 175 18.45 13.93 -15.50
C LYS B 175 17.04 13.55 -15.06
N LEU B 176 16.06 13.90 -15.90
CA LEU B 176 14.68 13.57 -15.64
C LEU B 176 14.46 12.19 -16.23
N ILE B 177 13.36 11.56 -15.86
CA ILE B 177 13.07 10.23 -16.36
C ILE B 177 11.63 9.87 -16.06
N THR B 178 10.85 9.79 -17.14
CA THR B 178 9.44 9.49 -17.04
C THR B 178 9.11 8.10 -17.59
N GLU B 179 7.81 7.84 -17.79
CA GLU B 179 7.37 6.56 -18.31
C GLU B 179 7.53 6.48 -19.83
N ASP B 180 7.85 7.60 -20.46
CA ASP B 180 8.01 7.60 -21.91
C ASP B 180 9.45 7.82 -22.32
N ARG B 181 10.15 8.69 -21.61
CA ARG B 181 11.52 8.95 -21.98
C ARG B 181 12.43 9.36 -20.83
N ILE B 182 13.69 9.61 -21.17
CA ILE B 182 14.71 10.04 -20.23
C ILE B 182 15.22 11.37 -20.79
N ILE B 183 15.26 12.40 -19.93
CA ILE B 183 15.71 13.71 -20.37
C ILE B 183 16.99 14.15 -19.69
N SER B 184 18.00 14.45 -20.48
CA SER B 184 19.28 14.92 -19.98
C SER B 184 19.23 16.42 -19.93
N CYS B 185 19.60 17.00 -18.81
CA CYS B 185 19.57 18.45 -18.67
C CYS B 185 20.97 19.06 -18.81
N PHE B 186 21.03 20.12 -19.60
CA PHE B 186 22.28 20.85 -19.85
C PHE B 186 22.84 21.57 -18.63
N GLN C 4 6.26 -9.38 14.83
CA GLN C 4 5.21 -10.43 14.82
C GLN C 4 3.85 -9.74 14.74
N LEU C 5 3.60 -8.84 15.68
CA LEU C 5 2.33 -8.15 15.71
C LEU C 5 2.23 -7.12 14.60
N ARG C 6 3.30 -6.36 14.42
CA ARG C 6 3.30 -5.34 13.39
C ARG C 6 2.97 -5.95 12.02
N LYS C 7 3.56 -7.10 11.73
CA LYS C 7 3.34 -7.79 10.47
C LYS C 7 1.89 -8.26 10.34
N LYS C 8 1.35 -8.85 11.40
CA LYS C 8 -0.04 -9.34 11.37
C LYS C 8 -1.02 -8.22 11.03
N THR C 9 -0.78 -7.07 11.63
CA THR C 9 -1.62 -5.91 11.41
C THR C 9 -1.44 -5.41 9.97
N LEU C 10 -0.36 -5.84 9.31
CA LEU C 10 -0.14 -5.41 7.92
C LEU C 10 -1.04 -6.27 7.04
N GLU C 11 -0.98 -7.59 7.25
CA GLU C 11 -1.80 -8.50 6.46
C GLU C 11 -3.27 -8.18 6.72
N ALA C 12 -3.61 -7.97 7.99
CA ALA C 12 -4.99 -7.68 8.35
C ALA C 12 -5.51 -6.43 7.65
N LEU C 13 -4.76 -5.34 7.75
CA LEU C 13 -5.15 -4.07 7.13
C LEU C 13 -5.07 -4.14 5.62
N SER C 14 -4.31 -5.09 5.10
CA SER C 14 -4.17 -5.22 3.66
C SER C 14 -5.32 -6.02 3.08
N ALA C 15 -5.79 -7.00 3.85
CA ALA C 15 -6.87 -7.89 3.44
C ALA C 15 -8.17 -7.16 3.22
N LEU C 16 -8.35 -6.05 3.93
CA LEU C 16 -9.56 -5.24 3.85
C LEU C 16 -9.72 -4.55 2.50
N SER C 17 -10.95 -4.53 2.01
CA SER C 17 -11.29 -3.89 0.76
C SER C 17 -11.38 -2.40 1.06
N ASN C 18 -11.36 -1.59 0.02
CA ASN C 18 -11.45 -0.16 0.19
C ASN C 18 -12.84 0.20 0.72
N GLU C 19 -13.81 -0.65 0.43
CA GLU C 19 -15.17 -0.43 0.89
C GLU C 19 -15.29 -0.72 2.37
N ASP C 20 -14.61 -1.77 2.83
CA ASP C 20 -14.62 -2.13 4.24
C ASP C 20 -14.05 -0.95 5.00
N ILE C 21 -12.84 -0.58 4.64
CA ILE C 21 -12.18 0.51 5.31
C ILE C 21 -13.08 1.73 5.36
N LEU C 22 -13.47 2.25 4.19
CA LEU C 22 -14.32 3.42 4.11
C LEU C 22 -15.53 3.33 5.07
N GLN C 23 -16.11 2.13 5.13
CA GLN C 23 -17.27 1.84 5.95
C GLN C 23 -16.96 1.92 7.44
N LYS C 24 -16.05 1.05 7.89
CA LYS C 24 -15.67 0.99 9.29
C LYS C 24 -15.21 2.35 9.82
N THR C 25 -14.28 2.99 9.12
CA THR C 25 -13.81 4.29 9.58
C THR C 25 -14.93 5.31 9.66
N GLU C 26 -16.00 5.09 8.92
CA GLU C 26 -17.10 6.03 8.93
C GLU C 26 -17.82 6.03 10.28
N ARG C 27 -18.14 4.84 10.78
CA ARG C 27 -18.81 4.68 12.07
C ARG C 27 -17.86 5.06 13.18
N MSE C 28 -16.58 4.88 12.90
CA MSE C 28 -15.50 5.19 13.82
C MSE C 28 -15.48 6.67 14.10
O MSE C 28 -15.34 7.10 15.25
CB MSE C 28 -14.18 4.77 13.18
CG MSE C 28 -13.10 4.38 14.14
SE MSE C 28 -11.65 3.51 13.21
CE MSE C 28 -12.63 2.05 12.44
N TYR C 29 -15.64 7.48 13.06
CA TYR C 29 -15.64 8.93 13.18
C TYR C 29 -16.89 9.44 13.90
N LYS C 30 -18.03 8.79 13.63
CA LYS C 30 -19.29 9.16 14.24
C LYS C 30 -19.20 8.99 15.75
N TYR C 31 -18.57 7.90 16.16
CA TYR C 31 -18.37 7.59 17.57
C TYR C 31 -17.52 8.70 18.20
N LEU C 32 -16.42 9.03 17.55
CA LEU C 32 -15.51 10.06 18.04
C LEU C 32 -16.15 11.43 18.15
N PHE C 33 -17.02 11.76 17.20
CA PHE C 33 -17.67 13.06 17.21
C PHE C 33 -18.86 13.12 18.17
N SER C 34 -19.27 11.98 18.68
CA SER C 34 -20.40 11.93 19.61
C SER C 34 -19.93 11.95 21.06
N LEU C 35 -18.63 12.05 21.28
CA LEU C 35 -18.11 12.07 22.63
C LEU C 35 -17.94 13.48 23.19
N PRO C 36 -18.31 13.68 24.46
CA PRO C 36 -18.20 15.00 25.10
C PRO C 36 -16.78 15.56 25.05
N GLU C 37 -15.79 14.69 25.24
CA GLU C 37 -14.40 15.12 25.22
C GLU C 37 -14.02 15.73 23.87
N TRP C 38 -14.77 15.39 22.83
CA TRP C 38 -14.55 15.91 21.49
C TRP C 38 -15.46 17.12 21.30
N GLN C 39 -16.71 16.95 21.70
CA GLN C 39 -17.71 18.00 21.60
C GLN C 39 -17.22 19.21 22.37
N ASN C 40 -16.51 18.98 23.45
CA ASN C 40 -16.01 20.08 24.27
C ASN C 40 -14.61 20.51 23.93
N ALA C 41 -13.85 19.62 23.32
CA ALA C 41 -12.47 19.93 22.93
C ALA C 41 -12.46 21.20 22.09
N GLY C 42 -11.71 22.20 22.53
CA GLY C 42 -11.65 23.46 21.81
C GLY C 42 -10.36 23.59 21.03
N THR C 43 -9.48 22.60 21.19
CA THR C 43 -8.19 22.57 20.51
C THR C 43 -7.78 21.10 20.49
N ILE C 44 -7.42 20.61 19.30
CA ILE C 44 -7.09 19.20 19.15
C ILE C 44 -5.71 18.85 18.60
N ALA C 45 -5.19 17.72 19.05
CA ALA C 45 -3.89 17.23 18.62
C ALA C 45 -4.11 15.98 17.78
N VAL C 46 -3.55 15.95 16.57
CA VAL C 46 -3.76 14.79 15.70
C VAL C 46 -2.60 14.70 14.71
N THR C 47 -2.44 13.58 14.03
CA THR C 47 -1.34 13.46 13.07
C THR C 47 -1.85 13.33 11.64
N ILE C 48 -0.97 13.60 10.68
CA ILE C 48 -1.33 13.48 9.27
C ILE C 48 -1.10 12.02 8.92
N SER C 49 -2.19 11.28 8.68
CA SER C 49 -2.08 9.86 8.37
C SER C 49 -1.41 9.54 7.04
N ARG C 50 -0.97 8.29 6.90
CA ARG C 50 -0.32 7.85 5.67
C ARG C 50 -0.40 6.33 5.53
N GLY C 51 -0.29 5.85 4.29
CA GLY C 51 -0.33 4.43 4.02
C GLY C 51 -1.57 3.73 4.53
N LEU C 52 -1.35 2.69 5.35
CA LEU C 52 -2.43 1.91 5.93
C LEU C 52 -2.83 2.46 7.31
N GLU C 53 -2.15 3.51 7.76
CA GLU C 53 -2.51 4.10 9.04
C GLU C 53 -3.94 4.58 8.94
N ILE C 54 -4.67 4.50 10.05
CA ILE C 54 -6.06 4.93 10.05
C ILE C 54 -6.11 6.37 9.49
N PRO C 55 -6.92 6.61 8.43
CA PRO C 55 -7.04 7.94 7.80
C PRO C 55 -7.58 9.01 8.74
N THR C 56 -6.78 10.06 8.93
CA THR C 56 -7.14 11.16 9.83
C THR C 56 -7.60 12.42 9.14
N ARG C 57 -7.82 12.38 7.84
CA ARG C 57 -8.25 13.58 7.14
C ARG C 57 -9.60 14.07 7.67
N PRO C 58 -10.61 13.19 7.69
CA PRO C 58 -11.89 13.63 8.19
C PRO C 58 -11.85 14.17 9.61
N VAL C 59 -10.89 13.74 10.43
CA VAL C 59 -10.82 14.25 11.80
C VAL C 59 -10.43 15.73 11.78
N ILE C 60 -9.52 16.09 10.88
CA ILE C 60 -9.07 17.47 10.76
C ILE C 60 -10.15 18.31 10.10
N GLU C 61 -10.76 17.79 9.05
CA GLU C 61 -11.80 18.54 8.38
C GLU C 61 -12.94 18.87 9.35
N GLN C 62 -13.47 17.85 10.01
CA GLN C 62 -14.56 18.02 10.98
C GLN C 62 -14.18 19.05 12.03
N ALA C 63 -12.92 19.05 12.44
CA ALA C 63 -12.52 20.00 13.45
C ALA C 63 -12.80 21.41 12.96
N TRP C 64 -12.00 21.88 12.01
CA TRP C 64 -12.18 23.25 11.50
C TRP C 64 -13.65 23.55 11.19
N GLU C 65 -14.40 22.54 10.76
CA GLU C 65 -15.80 22.71 10.43
C GLU C 65 -16.59 23.12 11.68
N GLU C 66 -16.06 22.77 12.85
CA GLU C 66 -16.72 23.11 14.10
C GLU C 66 -15.97 24.23 14.81
N GLY C 67 -15.11 24.92 14.07
CA GLY C 67 -14.34 26.02 14.62
C GLY C 67 -13.38 25.68 15.75
N LYS C 68 -12.85 24.46 15.72
CA LYS C 68 -11.89 24.01 16.74
C LYS C 68 -10.45 24.21 16.25
N GLN C 69 -9.51 24.44 17.17
CA GLN C 69 -8.12 24.61 16.78
C GLN C 69 -7.56 23.22 16.43
N VAL C 70 -6.54 23.17 15.61
CA VAL C 70 -5.97 21.89 15.23
C VAL C 70 -4.47 21.98 15.16
N CYS C 71 -3.78 21.13 15.91
CA CYS C 71 -2.33 21.16 15.85
C CYS C 71 -1.77 19.78 15.64
N ILE C 72 -0.83 19.68 14.71
CA ILE C 72 -0.19 18.43 14.36
C ILE C 72 1.18 18.33 15.01
N PRO C 73 1.77 17.14 15.00
CA PRO C 73 3.08 16.93 15.61
C PRO C 73 4.30 17.28 14.79
N LYS C 74 5.27 17.87 15.46
CA LYS C 74 6.51 18.21 14.78
C LYS C 74 7.58 17.41 15.52
N CYS C 75 7.95 16.27 14.95
CA CYS C 75 8.94 15.39 15.57
C CYS C 75 10.38 15.80 15.31
N HIS C 76 11.21 15.59 16.32
CA HIS C 76 12.64 15.88 16.25
C HIS C 76 13.37 14.59 15.90
N PRO C 77 13.92 14.50 14.68
CA PRO C 77 14.64 13.27 14.31
C PRO C 77 15.88 13.16 15.19
N ASP C 78 16.10 14.21 15.97
CA ASP C 78 17.22 14.28 16.90
C ASP C 78 17.02 13.19 17.97
N THR C 79 16.29 13.54 19.03
CA THR C 79 16.01 12.61 20.11
C THR C 79 14.58 12.12 19.98
N LYS C 80 14.02 11.63 21.08
CA LYS C 80 12.64 11.14 21.07
C LYS C 80 11.70 12.29 21.43
N LYS C 81 12.22 13.51 21.36
CA LYS C 81 11.43 14.70 21.68
C LYS C 81 10.49 15.04 20.54
N MSE C 82 9.25 15.36 20.88
CA MSE C 82 8.22 15.73 19.92
C MSE C 82 7.45 16.93 20.45
O MSE C 82 7.31 17.11 21.65
CB MSE C 82 7.25 14.54 19.71
CG MSE C 82 5.87 14.92 19.19
SE MSE C 82 4.78 13.39 18.72
CE MSE C 82 4.11 12.90 20.47
N GLN C 83 6.94 17.76 19.54
CA GLN C 83 6.19 18.95 19.94
C GLN C 83 5.12 19.31 18.90
N PHE C 84 3.91 19.55 19.38
CA PHE C 84 2.78 19.89 18.52
C PHE C 84 2.70 21.38 18.20
N ARG C 85 2.51 21.70 16.92
CA ARG C 85 2.40 23.08 16.46
C ARG C 85 1.00 23.32 15.90
N THR C 86 0.43 24.49 16.16
CA THR C 86 -0.90 24.80 15.64
C THR C 86 -0.90 24.68 14.12
N TYR C 87 -1.96 24.09 13.56
CA TYR C 87 -2.05 23.95 12.10
C TYR C 87 -3.26 24.73 11.55
N GLN C 88 -2.99 25.91 10.99
CA GLN C 88 -4.03 26.79 10.45
C GLN C 88 -4.80 26.16 9.29
N THR C 89 -6.14 26.17 9.39
CA THR C 89 -7.02 25.61 8.35
C THR C 89 -6.38 25.77 6.97
N ASP C 90 -6.29 24.66 6.24
CA ASP C 90 -5.62 24.64 4.96
C ASP C 90 -6.46 24.08 3.82
N ASP C 91 -6.70 24.91 2.80
CA ASP C 91 -7.49 24.47 1.64
C ASP C 91 -6.74 23.41 0.86
N GLN C 92 -5.44 23.30 1.14
CA GLN C 92 -4.61 22.31 0.47
C GLN C 92 -4.44 21.04 1.30
N LEU C 93 -5.40 20.80 2.20
CA LEU C 93 -5.34 19.61 3.03
C LEU C 93 -5.26 18.39 2.10
N GLU C 94 -6.12 18.35 1.07
CA GLU C 94 -6.13 17.23 0.12
C GLU C 94 -4.73 16.94 -0.44
N THR C 95 -4.10 18.00 -0.93
CA THR C 95 -2.75 17.98 -1.49
C THR C 95 -1.72 17.44 -0.49
N VAL C 96 -1.96 17.73 0.80
CA VAL C 96 -1.09 17.31 1.89
C VAL C 96 -1.23 15.83 2.21
N TYR C 97 -2.45 15.33 2.25
CA TYR C 97 -2.69 13.93 2.57
C TYR C 97 -2.36 13.02 1.41
N ALA C 98 -1.83 13.62 0.35
CA ALA C 98 -1.47 12.92 -0.86
C ALA C 98 0.04 12.89 -1.03
N GLY C 99 0.76 13.48 -0.08
CA GLY C 99 2.21 13.49 -0.14
C GLY C 99 2.78 14.51 -1.11
N LEU C 100 1.95 15.48 -1.49
CA LEU C 100 2.38 16.51 -2.43
C LEU C 100 2.52 17.87 -1.78
N LEU C 101 2.50 17.88 -0.45
CA LEU C 101 2.62 19.15 0.27
C LEU C 101 2.80 18.94 1.76
N GLU C 102 3.87 19.51 2.30
CA GLU C 102 4.12 19.38 3.73
C GLU C 102 3.43 20.52 4.44
N PRO C 103 2.64 20.21 5.48
CA PRO C 103 1.93 21.23 6.26
C PRO C 103 2.92 22.19 6.88
N VAL C 104 2.78 23.46 6.52
CA VAL C 104 3.67 24.52 7.00
C VAL C 104 3.29 25.00 8.40
N GLU C 106 2.67 29.53 11.35
CA GLU C 106 2.78 29.77 12.79
C GLU C 106 3.54 28.65 13.49
N LYS C 107 4.70 28.28 12.94
CA LYS C 107 5.53 27.24 13.54
C LYS C 107 6.12 27.81 14.82
N THR C 108 5.85 29.10 15.05
CA THR C 108 6.32 29.82 16.23
C THR C 108 5.29 29.59 17.34
N LYS C 109 5.72 29.81 18.58
CA LYS C 109 4.84 29.64 19.73
C LYS C 109 4.27 28.22 19.71
N GLU C 110 5.04 27.27 20.22
CA GLU C 110 4.63 25.87 20.27
C GLU C 110 3.40 25.68 21.15
N VAL C 111 2.66 24.62 20.88
CA VAL C 111 1.46 24.32 21.64
C VAL C 111 1.82 23.41 22.82
N ASN C 112 1.71 23.96 24.03
CA ASN C 112 2.03 23.21 25.25
C ASN C 112 1.00 22.10 25.49
N PRO C 113 1.44 20.99 26.10
CA PRO C 113 0.58 19.85 26.41
C PRO C 113 -0.70 20.29 27.13
N SER C 114 -0.56 21.28 28.00
CA SER C 114 -1.68 21.81 28.77
C SER C 114 -2.74 22.49 27.91
N GLN C 115 -2.31 23.13 26.82
CA GLN C 115 -3.22 23.84 25.91
C GLN C 115 -3.89 22.89 24.93
N ILE C 116 -3.79 21.58 25.16
CA ILE C 116 -4.37 20.59 24.28
C ILE C 116 -5.41 19.73 24.95
N ASP C 117 -6.68 20.03 24.71
CA ASP C 117 -7.75 19.25 25.32
C ASP C 117 -7.63 17.78 24.90
N LEU C 118 -8.20 17.44 23.75
CA LEU C 118 -8.16 16.07 23.23
C LEU C 118 -6.90 15.79 22.42
N MSE C 119 -6.50 14.53 22.38
CA MSE C 119 -5.31 14.15 21.62
C MSE C 119 -5.45 12.76 20.98
O MSE C 119 -5.26 11.75 21.66
CB MSE C 119 -4.06 14.14 22.48
CG MSE C 119 -2.80 13.90 21.66
SE MSE C 119 -1.19 13.37 22.59
CE MSE C 119 -0.54 12.08 21.32
N ILE C 120 -5.79 12.73 19.70
CA ILE C 120 -5.91 11.47 18.99
C ILE C 120 -4.51 10.89 18.91
N VAL C 121 -4.34 9.69 19.46
CA VAL C 121 -3.03 9.05 19.43
C VAL C 121 -3.07 7.94 18.40
N PRO C 122 -2.14 7.96 17.43
CA PRO C 122 -2.09 6.93 16.40
C PRO C 122 -1.17 5.79 16.87
N GLY C 123 -1.44 4.59 16.38
CA GLY C 123 -0.63 3.45 16.75
C GLY C 123 -0.80 2.30 15.81
N VAL C 124 0.13 1.34 15.86
CA VAL C 124 0.03 0.20 14.97
C VAL C 124 -0.76 -0.94 15.60
N CYS C 125 -0.45 -1.23 16.86
CA CYS C 125 -1.12 -2.31 17.58
C CYS C 125 -1.63 -1.81 18.93
N PHE C 126 -2.76 -2.35 19.35
CA PHE C 126 -3.35 -1.97 20.62
C PHE C 126 -3.92 -3.19 21.33
N ASP C 127 -3.83 -3.20 22.65
CA ASP C 127 -4.44 -4.28 23.43
C ASP C 127 -5.64 -3.60 24.11
N VAL C 128 -6.66 -4.40 24.46
CA VAL C 128 -7.86 -3.85 25.09
C VAL C 128 -7.62 -3.03 26.35
N ASN C 129 -6.39 -3.03 26.84
CA ASN C 129 -6.04 -2.28 28.03
C ASN C 129 -5.52 -0.87 27.71
N GLY C 130 -5.53 -0.51 26.42
CA GLY C 130 -5.06 0.81 26.03
C GLY C 130 -3.56 0.94 25.82
N PHE C 131 -2.87 -0.19 25.74
CA PHE C 131 -1.45 -0.15 25.53
C PHE C 131 -1.21 -0.34 24.04
N ARG C 132 -0.13 0.21 23.51
CA ARG C 132 0.05 0.09 22.07
C ARG C 132 1.45 -0.12 21.57
N VAL C 133 1.53 -0.65 20.35
CA VAL C 133 2.81 -0.85 19.70
C VAL C 133 2.95 0.32 18.71
N GLY C 134 3.81 1.27 19.06
CA GLY C 134 4.06 2.46 18.25
C GLY C 134 4.63 2.23 16.86
N PHE C 135 5.15 3.31 16.26
CA PHE C 135 5.73 3.21 14.91
C PHE C 135 7.23 3.05 15.05
N GLY C 136 7.71 3.34 16.24
CA GLY C 136 9.12 3.24 16.51
C GLY C 136 9.56 4.60 16.96
N GLY C 137 10.78 4.70 17.47
CA GLY C 137 11.26 5.98 17.93
C GLY C 137 10.48 6.43 19.15
N GLY C 138 9.47 5.67 19.52
CA GLY C 138 8.66 6.01 20.69
C GLY C 138 8.56 7.48 21.04
N TYR C 139 8.02 8.27 20.12
CA TYR C 139 7.86 9.72 20.32
C TYR C 139 6.72 9.97 21.30
N TYR C 140 5.66 9.19 21.17
CA TYR C 140 4.48 9.29 22.02
C TYR C 140 4.70 8.73 23.41
N ASP C 141 5.54 7.69 23.50
CA ASP C 141 5.82 7.10 24.79
C ASP C 141 6.22 8.15 25.80
N ARG C 142 7.11 9.06 25.40
CA ARG C 142 7.56 10.11 26.32
C ARG C 142 6.60 11.30 26.35
N TYR C 143 5.92 11.56 25.23
CA TYR C 143 5.00 12.68 25.21
C TYR C 143 3.85 12.36 26.15
N LEU C 144 3.30 11.15 26.04
CA LEU C 144 2.19 10.76 26.88
C LEU C 144 2.51 10.82 28.38
N SER C 145 3.76 10.56 28.73
CA SER C 145 4.19 10.59 30.13
C SER C 145 4.22 12.02 30.69
N GLU C 146 4.29 13.02 29.81
CA GLU C 146 4.31 14.41 30.25
C GLU C 146 2.96 15.06 29.96
N TYR C 147 2.06 14.28 29.34
CA TYR C 147 0.71 14.74 29.00
C TYR C 147 -0.28 14.27 30.09
N GLU C 148 -1.15 15.16 30.51
CA GLU C 148 -2.13 14.82 31.54
C GLU C 148 -3.54 14.73 30.95
N GLY C 149 -3.75 15.48 29.88
CA GLY C 149 -5.06 15.52 29.23
C GLY C 149 -5.61 14.22 28.69
N LYS C 150 -6.83 14.31 28.18
CA LYS C 150 -7.52 13.17 27.61
C LYS C 150 -6.84 12.64 26.34
N THR C 151 -6.86 11.31 26.18
CA THR C 151 -6.21 10.66 25.04
C THR C 151 -7.08 9.55 24.52
N VAL C 152 -7.46 9.62 23.26
CA VAL C 152 -8.31 8.58 22.69
C VAL C 152 -7.54 8.01 21.46
N SER C 153 -7.79 6.77 21.09
CA SER C 153 -7.08 6.20 19.96
C SER C 153 -8.03 5.63 18.95
N LEU C 154 -7.83 5.99 17.68
CA LEU C 154 -8.69 5.46 16.63
C LEU C 154 -8.00 4.23 16.09
N LEU C 155 -8.75 3.18 15.86
CA LEU C 155 -8.16 1.96 15.33
C LEU C 155 -9.20 0.97 14.92
N LEU C 156 -8.81 0.05 14.06
CA LEU C 156 -9.72 -0.98 13.57
C LEU C 156 -9.65 -2.21 14.46
N GLU C 157 -10.70 -3.01 14.45
CA GLU C 157 -10.72 -4.21 15.27
C GLU C 157 -9.53 -5.15 15.02
N CYS C 158 -9.00 -5.19 13.80
CA CYS C 158 -7.87 -6.08 13.51
C CYS C 158 -6.52 -5.59 14.06
N GLN C 159 -6.53 -4.42 14.69
CA GLN C 159 -5.33 -3.82 15.29
C GLN C 159 -5.32 -4.11 16.78
N LEU C 160 -6.46 -4.62 17.27
CA LEU C 160 -6.63 -4.93 18.68
C LEU C 160 -6.16 -6.34 19.00
N PHE C 161 -5.48 -6.48 20.14
CA PHE C 161 -4.95 -7.78 20.56
C PHE C 161 -5.20 -8.03 22.04
N ALA C 162 -5.18 -9.30 22.41
CA ALA C 162 -5.37 -9.71 23.80
C ALA C 162 -4.39 -8.94 24.68
N HIS C 163 -3.16 -8.81 24.21
CA HIS C 163 -2.17 -8.09 24.97
C HIS C 163 -0.93 -7.80 24.10
N VAL C 164 -0.21 -6.74 24.47
CA VAL C 164 0.99 -6.31 23.76
C VAL C 164 2.12 -6.07 24.75
N PRO C 165 3.38 -6.09 24.27
CA PRO C 165 4.54 -5.87 25.16
C PRO C 165 4.45 -4.54 25.89
N ARG C 166 4.33 -4.61 27.21
CA ARG C 166 4.24 -3.41 28.03
C ARG C 166 5.38 -3.36 29.01
N LEU C 167 6.39 -2.56 28.68
CA LEU C 167 7.55 -2.40 29.55
C LEU C 167 7.31 -1.17 30.41
N PRO C 168 7.46 -1.31 31.74
CA PRO C 168 7.25 -0.23 32.70
C PRO C 168 7.53 1.18 32.20
N HIS C 169 6.77 2.11 32.76
CA HIS C 169 6.80 3.53 32.43
C HIS C 169 6.18 3.75 31.06
N ASP C 170 5.18 2.91 30.78
CA ASP C 170 4.43 2.98 29.57
C ASP C 170 3.07 3.45 30.00
N ILE C 171 2.51 4.43 29.30
CA ILE C 171 1.20 4.93 29.67
C ILE C 171 0.19 4.54 28.62
N PRO C 172 -0.92 3.92 29.06
CA PRO C 172 -1.99 3.49 28.15
C PRO C 172 -2.90 4.65 27.77
N VAL C 173 -3.53 4.53 26.62
CA VAL C 173 -4.45 5.54 26.15
C VAL C 173 -5.84 5.31 26.77
N HIS C 174 -6.41 6.38 27.31
CA HIS C 174 -7.70 6.33 27.99
C HIS C 174 -8.89 5.86 27.20
N LYS C 175 -8.85 5.99 25.89
CA LYS C 175 -9.98 5.61 25.04
C LYS C 175 -9.60 4.95 23.70
N LEU C 176 -10.23 3.82 23.40
CA LEU C 176 -10.00 3.13 22.14
C LEU C 176 -11.30 3.10 21.35
N ILE C 177 -11.26 3.59 20.11
CA ILE C 177 -12.46 3.60 19.29
C ILE C 177 -12.25 2.73 18.06
N THR C 178 -13.02 1.65 17.96
CA THR C 178 -12.91 0.73 16.84
C THR C 178 -14.21 0.63 16.04
N GLU C 179 -14.17 -0.23 15.03
CA GLU C 179 -15.31 -0.48 14.14
C GLU C 179 -16.50 -1.13 14.86
N ASP C 180 -16.29 -1.59 16.09
CA ASP C 180 -17.38 -2.21 16.86
C ASP C 180 -17.50 -1.71 18.29
N ARG C 181 -16.57 -2.14 19.15
CA ARG C 181 -16.59 -1.74 20.54
C ARG C 181 -15.94 -0.39 20.80
N ILE C 182 -16.12 0.12 22.02
CA ILE C 182 -15.58 1.40 22.44
C ILE C 182 -14.94 1.20 23.82
N ILE C 183 -13.73 0.62 23.84
CA ILE C 183 -13.04 0.38 25.10
C ILE C 183 -12.71 1.67 25.82
N SER C 184 -12.94 1.69 27.14
CA SER C 184 -12.67 2.89 27.94
C SER C 184 -11.76 2.56 29.11
N CYS C 185 -10.65 1.87 28.86
CA CYS C 185 -9.73 1.50 29.94
C CYS C 185 -9.19 2.69 30.74
N PHE C 186 -9.55 2.73 32.02
CA PHE C 186 -9.10 3.78 32.93
C PHE C 186 -7.95 3.27 33.80
S SO4 D . -8.62 -28.47 -3.35
O1 SO4 D . -8.26 -29.65 -4.17
O2 SO4 D . -8.96 -28.91 -1.97
O3 SO4 D . -9.81 -27.83 -3.95
O4 SO4 D . -7.50 -27.54 -3.30
S SO4 E . 11.66 20.57 -0.95
O1 SO4 E . 10.98 19.48 -1.67
O2 SO4 E . 11.78 20.23 0.48
O3 SO4 E . 10.85 21.80 -1.07
O4 SO4 E . 12.99 20.78 -1.52
S SO4 F . 5.97 5.87 18.67
O1 SO4 F . 6.78 6.93 18.06
O2 SO4 F . 5.64 6.22 20.06
O3 SO4 F . 6.74 4.61 18.65
O4 SO4 F . 4.73 5.69 17.89
#